data_3VGH
#
_entry.id   3VGH
#
_cell.length_a   78.801
_cell.length_b   78.801
_cell.length_c   282.704
_cell.angle_alpha   90.000
_cell.angle_beta   90.000
_cell.angle_gamma   120.000
#
_symmetry.space_group_name_H-M   'P 32 2 1'
#
loop_
_entity.id
_entity.type
_entity.pdbx_description
1 polymer 'Malto-oligosyltrehalose trehalohydrolase'
2 branched alpha-D-glucopyranose-(1-1)-alpha-D-glucopyranose-(1-4)-alpha-D-glucopyranose-(1-4)-alpha-D-glucopyranose-(1-4)-alpha-D-glucopyranose
3 non-polymer 'CITRATE ANION'
4 non-polymer GLYCEROL
5 water water
#
_entity_poly.entity_id   1
_entity_poly.type   'polypeptide(L)'
_entity_poly.pdbx_seq_one_letter_code
;TFAYKIDGNEVIFTLWAPYQKSVKLKVLEKGLYEMERDEKGYFTITLNNVKVRDRYKYVLDDASEIPDPASRYQPEGVHG
PSQIIQESKEFNNETFLKKEDLIIYEIHVGTFTPEGTFEGVIRKLDYLKDLGITAIEIMPIAQFPGKRDWGYDGVYLYAV
QNSYGGPEGFRKLVDEAHKKGLGVILDVVYNHVGPEGNYMVKLGPYFSQKYKTPWGLTFNFDDAESDEVRKFILENVEYW
IKEYNVDGFRLDAVHAIIDTSPKHILEEIADVVHKYNRIVIAQSDLNDPRVVNPKEKCGYNIDAQWVDDFHHSIHAYLTG
ERQGYYTDFGNLDDIVKSYKDVFVYDGKYSNFRRKTHGEPVGELDGCNFVVYIQNHDQVGNRGKGERIIKLVDRESYKIA
AALYLLSPYIPMIFMGEEYGEENPFYFFSDFSDSKLIQGVREGRKKENGQDTDPQDESTFNASKLSWKIDEEIFSFYKIL
IKMRKELSIACDRRVNVVNGENWLIIKGREYFSLYVFSKSSIEVKYSGTLLLSSNNSFPQHIEEGKYEFDKGFALYKL
;
_entity_poly.pdbx_strand_id   A
#
# COMPACT_ATOMS: atom_id res chain seq x y z
N TYR A 4 22.92 8.52 -11.15
CA TYR A 4 24.38 8.64 -10.92
C TYR A 4 24.94 7.54 -10.01
N LYS A 5 26.26 7.40 -10.00
CA LYS A 5 26.96 6.42 -9.17
C LYS A 5 28.36 6.91 -8.75
N ILE A 6 28.50 7.25 -7.47
CA ILE A 6 29.76 7.77 -6.91
C ILE A 6 30.87 6.71 -6.79
N ASP A 7 31.96 6.95 -7.49
CA ASP A 7 33.08 5.99 -7.60
C ASP A 7 34.13 6.23 -6.50
N GLY A 8 35.33 6.69 -6.89
CA GLY A 8 36.37 7.05 -5.92
C GLY A 8 36.06 8.43 -5.35
N ASN A 9 36.76 9.43 -5.86
CA ASN A 9 36.39 10.83 -5.62
C ASN A 9 35.54 11.36 -6.79
N GLU A 10 35.56 10.61 -7.89
CA GLU A 10 34.81 10.94 -9.10
C GLU A 10 33.43 10.27 -9.12
N VAL A 11 32.60 10.65 -10.09
CA VAL A 11 31.23 10.14 -10.20
C VAL A 11 30.78 10.01 -11.66
N ILE A 12 30.12 8.90 -11.96
CA ILE A 12 29.67 8.60 -13.31
C ILE A 12 28.19 8.91 -13.49
N PHE A 13 27.87 9.72 -14.48
CA PHE A 13 26.49 10.09 -14.79
C PHE A 13 25.99 9.29 -15.97
N THR A 14 24.92 8.52 -15.75
CA THR A 14 24.37 7.66 -16.79
C THR A 14 22.93 8.02 -17.07
N LEU A 15 22.63 8.30 -18.34
CA LEU A 15 21.30 8.70 -18.77
C LEU A 15 20.90 7.95 -20.04
N TRP A 16 19.83 7.15 -19.95
CA TRP A 16 19.31 6.43 -21.11
C TRP A 16 18.34 7.30 -21.88
N ALA A 17 18.72 7.67 -23.09
CA ALA A 17 17.89 8.53 -23.94
C ALA A 17 18.04 8.21 -25.43
N PRO A 18 17.46 7.09 -25.88
CA PRO A 18 17.58 6.67 -27.27
C PRO A 18 16.98 7.65 -28.28
N TYR A 19 15.92 8.37 -27.91
CA TYR A 19 15.32 9.38 -28.80
C TYR A 19 16.24 10.57 -29.06
N GLN A 20 17.28 10.71 -28.23
CA GLN A 20 18.12 11.90 -28.25
C GLN A 20 19.39 11.71 -29.07
N LYS A 21 19.75 12.74 -29.84
CA LYS A 21 20.98 12.77 -30.64
C LYS A 21 22.22 12.99 -29.76
N SER A 22 22.15 13.99 -28.90
CA SER A 22 23.23 14.34 -27.96
C SER A 22 22.67 15.07 -26.74
N VAL A 23 23.10 14.63 -25.55
CA VAL A 23 22.68 15.27 -24.30
C VAL A 23 23.91 15.83 -23.59
N LYS A 24 23.72 16.92 -22.86
CA LYS A 24 24.77 17.51 -22.05
C LYS A 24 24.37 17.54 -20.58
N LEU A 25 25.34 17.28 -19.71
CA LEU A 25 25.16 17.44 -18.27
C LEU A 25 25.34 18.92 -17.93
N LYS A 26 24.39 19.45 -17.15
CA LYS A 26 24.47 20.84 -16.70
C LYS A 26 24.53 20.92 -15.18
N VAL A 27 25.75 20.89 -14.64
CA VAL A 27 25.95 21.15 -13.22
C VAL A 27 25.86 22.66 -13.00
N LEU A 28 24.97 23.07 -12.10
CA LEU A 28 24.53 24.47 -11.99
C LEU A 28 25.65 25.51 -11.75
N GLU A 29 26.49 25.25 -10.75
CA GLU A 29 27.56 26.18 -10.38
C GLU A 29 28.87 25.91 -11.15
N LYS A 30 28.92 24.80 -11.86
CA LYS A 30 30.03 24.47 -12.76
C LYS A 30 29.58 24.65 -14.22
N GLY A 31 30.24 23.98 -15.15
CA GLY A 31 29.95 24.16 -16.57
C GLY A 31 28.97 23.16 -17.19
N LEU A 32 28.86 23.21 -18.52
CA LEU A 32 28.18 22.20 -19.31
C LEU A 32 29.17 21.15 -19.76
N TYR A 33 28.74 19.89 -19.79
CA TYR A 33 29.62 18.79 -20.16
C TYR A 33 28.95 17.88 -21.17
N GLU A 34 29.60 17.71 -22.31
CA GLU A 34 29.12 16.82 -23.37
C GLU A 34 29.21 15.37 -22.91
N MET A 35 28.17 14.59 -23.20
CA MET A 35 28.13 13.20 -22.80
C MET A 35 28.38 12.32 -24.02
N GLU A 36 29.10 11.22 -23.81
CA GLU A 36 29.39 10.27 -24.87
C GLU A 36 28.25 9.27 -25.01
N ARG A 37 27.95 8.89 -26.26
CA ARG A 37 26.78 8.06 -26.57
C ARG A 37 27.18 6.68 -27.07
N ASP A 38 26.60 5.64 -26.48
CA ASP A 38 26.77 4.28 -27.02
C ASP A 38 25.56 3.88 -27.88
N GLU A 39 25.66 2.72 -28.55
CA GLU A 39 24.70 2.34 -29.58
C GLU A 39 23.29 2.02 -29.05
N LYS A 40 23.19 1.65 -27.77
CA LYS A 40 21.90 1.36 -27.13
C LYS A 40 21.08 2.62 -26.83
N GLY A 41 21.77 3.76 -26.72
CA GLY A 41 21.14 5.04 -26.40
C GLY A 41 21.49 5.56 -25.00
N TYR A 42 22.57 5.04 -24.44
CA TYR A 42 23.06 5.46 -23.14
C TYR A 42 24.09 6.59 -23.25
N PHE A 43 23.91 7.63 -22.45
CA PHE A 43 24.83 8.77 -22.40
C PHE A 43 25.64 8.74 -21.11
N THR A 44 26.96 8.93 -21.22
CA THR A 44 27.84 8.83 -20.05
C THR A 44 28.99 9.86 -20.03
N ILE A 45 29.34 10.29 -18.81
CA ILE A 45 30.61 11.00 -18.54
C ILE A 45 31.04 10.76 -17.11
N THR A 46 32.34 10.56 -16.91
CA THR A 46 32.91 10.50 -15.57
C THR A 46 33.46 11.88 -15.21
N LEU A 47 32.97 12.43 -14.10
CA LEU A 47 33.39 13.74 -13.62
C LEU A 47 34.02 13.64 -12.24
N ASN A 48 35.09 14.40 -12.03
CA ASN A 48 35.85 14.34 -10.79
C ASN A 48 35.64 15.55 -9.87
N ASN A 49 35.14 16.63 -10.45
CA ASN A 49 34.91 17.89 -9.73
C ASN A 49 33.58 17.94 -8.96
N VAL A 50 32.72 16.96 -9.22
CA VAL A 50 31.37 16.91 -8.62
C VAL A 50 31.41 16.38 -7.19
N LYS A 51 30.59 16.99 -6.33
CA LYS A 51 30.53 16.64 -4.92
C LYS A 51 29.07 16.70 -4.43
N VAL A 52 28.77 15.89 -3.41
CA VAL A 52 27.52 16.02 -2.65
C VAL A 52 27.60 17.33 -1.86
N ARG A 53 26.63 18.23 -2.02
CA ARG A 53 25.41 17.99 -2.78
C ARG A 53 25.14 19.05 -3.86
N ASP A 54 25.75 18.85 -5.02
CA ASP A 54 25.56 19.73 -6.17
C ASP A 54 24.23 19.46 -6.87
N ARG A 55 23.69 20.49 -7.51
CA ARG A 55 22.49 20.37 -8.33
C ARG A 55 22.86 20.16 -9.80
N TYR A 56 21.97 19.51 -10.55
CA TYR A 56 22.19 19.26 -11.98
C TYR A 56 20.89 19.05 -12.78
N LYS A 57 21.00 19.26 -14.09
CA LYS A 57 19.93 18.95 -15.04
C LYS A 57 20.59 18.38 -16.29
N TYR A 58 19.77 17.90 -17.22
CA TYR A 58 20.25 17.47 -18.53
C TYR A 58 19.65 18.38 -19.62
N VAL A 59 20.46 18.75 -20.60
CA VAL A 59 20.00 19.59 -21.70
C VAL A 59 19.96 18.80 -23.02
N LEU A 60 18.76 18.71 -23.59
CA LEU A 60 18.49 17.85 -24.75
C LEU A 60 18.88 18.51 -26.08
N ASP A 61 18.66 17.80 -27.19
CA ASP A 61 18.81 18.35 -28.54
C ASP A 61 17.95 19.60 -28.67
N ASP A 62 16.85 19.58 -27.92
CA ASP A 62 15.85 20.63 -27.85
C ASP A 62 16.42 21.94 -27.30
N ALA A 63 17.57 21.84 -26.65
CA ALA A 63 18.14 22.91 -25.80
C ALA A 63 17.36 23.05 -24.48
N SER A 64 16.24 22.34 -24.35
CA SER A 64 15.44 22.34 -23.12
C SER A 64 16.12 21.54 -22.02
N GLU A 65 15.88 21.95 -20.78
CA GLU A 65 16.53 21.36 -19.60
C GLU A 65 15.57 20.54 -18.76
N ILE A 66 15.95 19.30 -18.46
CA ILE A 66 15.10 18.40 -17.68
C ILE A 66 15.85 17.79 -16.48
N PRO A 67 15.12 17.41 -15.42
CA PRO A 67 15.73 16.73 -14.28
C PRO A 67 16.06 15.26 -14.59
N ASP A 68 17.05 14.71 -13.88
CA ASP A 68 17.40 13.29 -13.97
C ASP A 68 16.20 12.42 -13.60
N PRO A 69 15.71 11.59 -14.56
CA PRO A 69 14.56 10.73 -14.29
C PRO A 69 14.86 9.70 -13.20
N ALA A 70 16.15 9.41 -13.00
CA ALA A 70 16.59 8.52 -11.94
C ALA A 70 17.07 9.31 -10.70
N SER A 71 16.66 10.57 -10.61
CA SER A 71 17.04 11.46 -9.51
C SER A 71 16.87 10.82 -8.14
N ARG A 72 17.83 11.08 -7.25
CA ARG A 72 17.74 10.59 -5.88
C ARG A 72 17.17 11.63 -4.93
N TYR A 73 17.11 12.88 -5.39
CA TYR A 73 16.56 13.99 -4.60
C TYR A 73 16.15 15.14 -5.49
N GLN A 74 14.92 15.59 -5.29
CA GLN A 74 14.34 16.65 -6.08
C GLN A 74 13.96 17.79 -5.14
N PRO A 75 14.93 18.67 -4.82
CA PRO A 75 14.80 19.67 -3.76
C PRO A 75 13.72 20.71 -4.01
N GLU A 76 13.49 21.04 -5.28
CA GLU A 76 12.52 22.07 -5.64
C GLU A 76 11.33 21.50 -6.41
N GLY A 77 10.97 20.27 -6.08
CA GLY A 77 9.81 19.61 -6.67
C GLY A 77 10.09 19.10 -8.07
N VAL A 78 9.03 18.59 -8.70
CA VAL A 78 9.13 17.86 -9.96
C VAL A 78 9.81 18.59 -11.14
N HIS A 79 9.66 19.90 -11.21
CA HIS A 79 10.24 20.69 -12.32
C HIS A 79 11.61 21.29 -11.98
N GLY A 80 12.05 21.11 -10.73
CA GLY A 80 13.33 21.65 -10.27
C GLY A 80 14.52 20.81 -10.68
N PRO A 81 15.74 21.24 -10.31
CA PRO A 81 16.95 20.45 -10.56
C PRO A 81 17.03 19.19 -9.68
N SER A 82 17.93 18.27 -10.06
CA SER A 82 18.24 17.09 -9.26
C SER A 82 19.43 17.38 -8.35
N GLN A 83 19.61 16.58 -7.30
CA GLN A 83 20.69 16.79 -6.34
C GLN A 83 21.44 15.51 -5.99
N ILE A 84 22.76 15.63 -5.84
CA ILE A 84 23.61 14.51 -5.41
C ILE A 84 23.48 14.32 -3.89
N ILE A 85 23.16 13.10 -3.47
CA ILE A 85 23.07 12.78 -2.05
C ILE A 85 24.15 11.76 -1.68
N GLN A 86 24.28 11.49 -0.38
CA GLN A 86 25.19 10.44 0.09
C GLN A 86 24.65 9.04 -0.27
N GLU A 87 25.54 8.17 -0.76
CA GLU A 87 25.15 6.81 -1.13
C GLU A 87 25.74 5.74 -0.21
N SER A 88 25.56 5.92 1.09
CA SER A 88 25.95 4.94 2.08
C SER A 88 25.05 3.70 2.01
N LYS A 89 25.60 2.60 1.50
CA LYS A 89 24.85 1.36 1.27
C LYS A 89 24.80 0.44 2.50
N GLU A 90 24.51 1.01 3.67
CA GLU A 90 24.35 0.21 4.90
C GLU A 90 22.98 -0.45 4.91
N PHE A 91 23.00 -1.79 4.88
CA PHE A 91 21.77 -2.57 4.96
C PHE A 91 22.05 -3.94 5.55
N ASN A 92 21.14 -4.42 6.39
CA ASN A 92 21.18 -5.79 6.90
C ASN A 92 20.92 -6.73 5.75
N ASN A 93 21.47 -7.94 5.80
CA ASN A 93 21.17 -8.94 4.78
C ASN A 93 19.79 -9.55 5.00
N GLU A 94 19.27 -9.36 6.21
CA GLU A 94 18.00 -9.92 6.64
C GLU A 94 17.07 -8.88 7.25
N THR A 95 15.79 -8.93 6.89
CA THR A 95 14.76 -8.26 7.67
C THR A 95 14.42 -9.15 8.87
N PHE A 96 14.24 -8.54 10.04
CA PHE A 96 13.84 -9.29 11.22
C PHE A 96 12.36 -9.65 11.22
N LEU A 97 11.60 -9.02 10.31
CA LEU A 97 10.18 -9.30 10.13
C LEU A 97 9.93 -10.76 9.75
N LYS A 98 9.12 -11.44 10.55
CA LYS A 98 8.57 -12.74 10.19
C LYS A 98 7.15 -12.51 9.69
N LYS A 99 6.86 -12.98 8.48
CA LYS A 99 5.59 -12.62 7.83
C LYS A 99 4.35 -13.24 8.48
N GLU A 100 4.53 -14.33 9.23
CA GLU A 100 3.42 -14.90 10.00
C GLU A 100 3.02 -14.02 11.20
N ASP A 101 3.94 -13.12 11.58
CA ASP A 101 3.74 -12.24 12.74
C ASP A 101 3.32 -10.84 12.32
N LEU A 102 2.93 -10.69 11.07
CA LEU A 102 2.72 -9.39 10.46
C LEU A 102 1.38 -8.74 10.82
N ILE A 103 1.44 -7.63 11.56
CA ILE A 103 0.31 -6.73 11.72
C ILE A 103 0.73 -5.40 11.10
N ILE A 104 -0.05 -4.94 10.14
CA ILE A 104 0.36 -3.82 9.29
C ILE A 104 -0.46 -2.57 9.58
N TYR A 105 0.22 -1.43 9.59
CA TYR A 105 -0.41 -0.15 9.87
C TYR A 105 -0.15 0.79 8.71
N GLU A 106 -1.20 1.17 7.98
CA GLU A 106 -1.06 2.03 6.81
C GLU A 106 -0.99 3.51 7.17
N ILE A 107 0.08 4.18 6.75
CA ILE A 107 0.32 5.59 7.04
C ILE A 107 0.45 6.44 5.77
N HIS A 108 -0.30 7.55 5.73
CA HIS A 108 -0.03 8.62 4.77
C HIS A 108 0.71 9.74 5.50
N VAL A 109 2.03 9.81 5.27
CA VAL A 109 2.92 10.72 5.97
C VAL A 109 2.37 12.15 6.09
N GLY A 110 1.87 12.69 4.99
CA GLY A 110 1.37 14.07 4.94
C GLY A 110 0.25 14.42 5.90
N THR A 111 -0.59 13.45 6.23
CA THR A 111 -1.79 13.69 7.06
C THR A 111 -1.77 12.96 8.42
N PHE A 112 -0.81 12.05 8.60
CA PHE A 112 -0.68 11.23 9.81
C PHE A 112 -0.55 12.05 11.10
N THR A 113 0.18 13.16 11.03
CA THR A 113 0.48 14.00 12.19
C THR A 113 0.40 15.45 11.75
N PRO A 114 0.23 16.38 12.71
CA PRO A 114 0.31 17.81 12.40
C PRO A 114 1.55 18.21 11.62
N GLU A 115 2.68 17.53 11.88
CA GLU A 115 3.93 17.82 11.19
C GLU A 115 3.81 17.55 9.70
N GLY A 116 3.23 16.39 9.36
CA GLY A 116 3.09 15.94 7.98
C GLY A 116 4.37 15.43 7.37
N THR A 117 5.33 15.03 8.23
CA THR A 117 6.67 14.66 7.81
C THR A 117 7.09 13.33 8.42
N PHE A 118 8.20 12.78 7.94
CA PHE A 118 8.80 11.56 8.51
C PHE A 118 9.14 11.73 9.98
N GLU A 119 9.55 12.93 10.37
CA GLU A 119 9.79 13.25 11.78
C GLU A 119 8.53 13.01 12.62
N GLY A 120 7.37 13.28 12.03
CA GLY A 120 6.08 13.15 12.70
C GLY A 120 5.70 11.70 12.94
N VAL A 121 5.99 10.85 11.97
CA VAL A 121 5.74 9.42 12.14
C VAL A 121 6.76 8.83 13.16
N ILE A 122 7.97 9.37 13.19
CA ILE A 122 8.97 8.97 14.19
C ILE A 122 8.46 9.22 15.61
N ARG A 123 7.79 10.36 15.80
CA ARG A 123 7.25 10.76 17.11
C ARG A 123 6.16 9.79 17.59
N LYS A 124 5.53 9.08 16.65
CA LYS A 124 4.41 8.20 16.93
C LYS A 124 4.81 6.73 16.99
N LEU A 125 6.12 6.47 16.93
CA LEU A 125 6.63 5.10 16.90
C LEU A 125 6.32 4.31 18.17
N ASP A 126 6.59 4.90 19.33
CA ASP A 126 6.30 4.25 20.61
C ASP A 126 4.82 3.89 20.72
N TYR A 127 3.96 4.80 20.26
CA TYR A 127 2.52 4.58 20.30
C TYR A 127 2.15 3.35 19.47
N LEU A 128 2.71 3.28 18.26
CA LEU A 128 2.49 2.18 17.34
C LEU A 128 2.99 0.86 17.94
N LYS A 129 4.22 0.88 18.43
CA LYS A 129 4.86 -0.27 19.05
C LYS A 129 4.00 -0.85 20.18
N ASP A 130 3.47 0.04 21.01
CA ASP A 130 2.65 -0.29 22.16
C ASP A 130 1.29 -0.87 21.76
N LEU A 131 0.78 -0.42 20.62
CA LEU A 131 -0.50 -0.89 20.10
C LEU A 131 -0.43 -2.39 19.76
N GLY A 132 0.72 -2.83 19.26
CA GLY A 132 0.94 -4.24 18.90
C GLY A 132 1.32 -4.47 17.46
N ILE A 133 1.34 -3.38 16.68
CA ILE A 133 1.78 -3.36 15.28
C ILE A 133 3.21 -3.90 15.14
N THR A 134 3.48 -4.60 14.04
CA THR A 134 4.84 -5.10 13.78
C THR A 134 5.48 -4.42 12.57
N ALA A 135 4.66 -3.77 11.75
CA ALA A 135 5.15 -3.10 10.55
C ALA A 135 4.24 -1.96 10.11
N ILE A 136 4.86 -0.87 9.71
CA ILE A 136 4.17 0.28 9.16
C ILE A 136 4.31 0.31 7.64
N GLU A 137 3.20 0.54 6.94
CA GLU A 137 3.22 0.63 5.48
C GLU A 137 3.08 2.07 5.05
N ILE A 138 4.11 2.58 4.38
CA ILE A 138 4.18 3.97 4.00
C ILE A 138 3.70 4.15 2.56
N MET A 139 2.70 5.01 2.40
CA MET A 139 2.16 5.32 1.08
C MET A 139 3.22 6.01 0.21
N PRO A 140 3.11 5.89 -1.13
CA PRO A 140 4.22 6.25 -1.99
C PRO A 140 4.90 7.57 -1.62
N ILE A 141 6.23 7.52 -1.55
CA ILE A 141 7.02 8.69 -1.19
C ILE A 141 7.85 9.21 -2.35
N ALA A 142 7.75 8.54 -3.50
CA ALA A 142 8.41 8.97 -4.72
C ALA A 142 7.89 10.35 -5.14
N GLN A 143 8.81 11.30 -5.32
CA GLN A 143 8.49 12.73 -5.53
C GLN A 143 7.31 12.97 -6.46
N PHE A 144 6.32 13.71 -5.96
CA PHE A 144 5.12 14.06 -6.71
C PHE A 144 4.98 15.58 -6.73
N PRO A 145 4.03 16.13 -7.51
CA PRO A 145 3.87 17.59 -7.57
C PRO A 145 3.38 18.18 -6.25
N GLY A 146 3.98 19.31 -5.85
CA GLY A 146 3.58 20.03 -4.64
C GLY A 146 3.81 19.27 -3.33
N LYS A 147 2.90 19.49 -2.38
CA LYS A 147 3.03 18.93 -1.03
C LYS A 147 1.86 18.00 -0.66
N ARG A 148 0.77 18.09 -1.41
CA ARG A 148 -0.47 17.44 -1.04
C ARG A 148 -0.92 16.42 -2.10
N ASP A 149 -0.72 15.15 -1.79
CA ASP A 149 -0.95 14.04 -2.72
C ASP A 149 -0.87 12.72 -1.95
N TRP A 150 -1.73 11.76 -2.29
CA TRP A 150 -1.68 10.41 -1.71
C TRP A 150 -0.32 9.74 -1.99
N GLY A 151 0.24 10.01 -3.17
CA GLY A 151 1.55 9.49 -3.58
C GLY A 151 1.54 8.84 -4.96
N TYR A 152 0.34 8.52 -5.46
CA TYR A 152 0.20 7.79 -6.72
C TYR A 152 0.43 8.66 -7.95
N ASP A 153 0.63 9.96 -7.72
CA ASP A 153 1.02 10.88 -8.78
C ASP A 153 2.53 11.09 -8.78
N GLY A 154 3.22 10.20 -8.06
CA GLY A 154 4.69 10.21 -7.99
C GLY A 154 5.28 10.03 -9.38
N VAL A 155 6.44 10.63 -9.58
CA VAL A 155 6.93 10.81 -10.92
C VAL A 155 8.48 10.70 -10.99
N TYR A 156 9.10 10.50 -9.82
CA TYR A 156 10.53 10.18 -9.73
C TYR A 156 10.76 9.00 -8.79
N LEU A 157 10.80 7.80 -9.37
CA LEU A 157 10.87 6.54 -8.62
C LEU A 157 11.99 6.44 -7.59
N TYR A 158 13.08 7.16 -7.78
CA TYR A 158 14.21 7.04 -6.87
C TYR A 158 14.31 8.20 -5.88
N ALA A 159 13.43 9.20 -6.01
CA ALA A 159 13.53 10.44 -5.23
C ALA A 159 12.54 10.54 -4.07
N VAL A 160 13.05 10.67 -2.85
CA VAL A 160 12.18 10.76 -1.65
C VAL A 160 11.58 12.16 -1.53
N GLN A 161 10.26 12.24 -1.47
CA GLN A 161 9.52 13.51 -1.40
C GLN A 161 10.18 14.56 -0.51
N ASN A 162 10.50 15.71 -1.09
CA ASN A 162 11.18 16.80 -0.36
C ASN A 162 10.37 17.33 0.82
N SER A 163 9.07 17.53 0.60
CA SER A 163 8.19 18.13 1.61
C SER A 163 7.88 17.18 2.78
N TYR A 164 8.13 15.88 2.62
CA TYR A 164 8.03 14.94 3.72
C TYR A 164 9.30 14.93 4.57
N GLY A 165 10.37 15.52 4.02
CA GLY A 165 11.65 15.57 4.72
C GLY A 165 12.79 14.91 3.95
N GLY A 166 12.51 14.48 2.73
CA GLY A 166 13.53 13.93 1.83
C GLY A 166 14.25 12.68 2.32
N PRO A 167 15.35 12.32 1.64
CA PRO A 167 16.16 11.13 1.91
C PRO A 167 16.62 11.01 3.35
N GLU A 168 17.13 12.11 3.90
CA GLU A 168 17.66 12.11 5.26
C GLU A 168 16.57 11.72 6.26
N GLY A 169 15.36 12.22 6.05
CA GLY A 169 14.22 11.96 6.92
C GLY A 169 13.66 10.55 6.81
N PHE A 170 13.67 9.99 5.60
CA PHE A 170 13.19 8.63 5.43
C PHE A 170 14.17 7.63 6.02
N ARG A 171 15.46 7.86 5.79
CA ARG A 171 16.52 7.03 6.35
C ARG A 171 16.41 7.03 7.88
N LYS A 172 16.18 8.21 8.44
CA LYS A 172 16.00 8.34 9.89
C LYS A 172 14.76 7.60 10.39
N LEU A 173 13.66 7.67 9.63
CA LEU A 173 12.44 6.95 9.99
C LEU A 173 12.67 5.45 10.07
N VAL A 174 13.26 4.87 9.04
CA VAL A 174 13.50 3.43 9.02
C VAL A 174 14.52 3.00 10.08
N ASP A 175 15.54 3.81 10.30
CA ASP A 175 16.52 3.51 11.35
C ASP A 175 15.86 3.49 12.73
N GLU A 176 15.03 4.50 13.00
CA GLU A 176 14.36 4.62 14.29
C GLU A 176 13.31 3.54 14.49
N ALA A 177 12.64 3.14 13.41
CA ALA A 177 11.68 2.05 13.45
C ALA A 177 12.35 0.72 13.82
N HIS A 178 13.54 0.47 13.26
CA HIS A 178 14.30 -0.74 13.56
C HIS A 178 14.74 -0.77 15.01
N LYS A 179 15.10 0.41 15.52
CA LYS A 179 15.54 0.55 16.91
C LYS A 179 14.41 0.22 17.90
N LYS A 180 13.17 0.51 17.51
CA LYS A 180 12.00 0.20 18.33
C LYS A 180 11.47 -1.20 18.04
N GLY A 181 12.02 -1.86 17.02
CA GLY A 181 11.60 -3.21 16.67
C GLY A 181 10.37 -3.25 15.78
N LEU A 182 10.21 -2.22 14.95
CA LEU A 182 9.13 -2.18 13.96
C LEU A 182 9.72 -2.26 12.56
N GLY A 183 8.95 -2.83 11.64
CA GLY A 183 9.37 -2.90 10.25
C GLY A 183 8.73 -1.80 9.42
N VAL A 184 9.35 -1.49 8.29
CA VAL A 184 8.73 -0.55 7.35
C VAL A 184 8.61 -1.14 5.96
N ILE A 185 7.37 -1.10 5.46
CA ILE A 185 7.02 -1.58 4.14
C ILE A 185 6.73 -0.35 3.28
N LEU A 186 7.32 -0.30 2.09
CA LEU A 186 7.14 0.85 1.21
C LEU A 186 6.19 0.55 0.05
N ASP A 187 5.22 1.44 -0.12
CA ASP A 187 4.28 1.39 -1.22
C ASP A 187 4.98 1.93 -2.47
N VAL A 188 5.10 1.09 -3.50
CA VAL A 188 5.81 1.49 -4.72
C VAL A 188 4.94 1.34 -5.96
N VAL A 189 5.09 2.26 -6.90
CA VAL A 189 4.21 2.36 -8.08
C VAL A 189 4.96 2.05 -9.37
N TYR A 190 4.73 0.86 -9.92
CA TYR A 190 5.40 0.39 -11.14
C TYR A 190 4.45 0.18 -12.34
N ASN A 191 3.18 0.54 -12.15
CA ASN A 191 2.18 0.30 -13.19
C ASN A 191 1.89 1.52 -14.06
N HIS A 192 2.29 2.70 -13.60
CA HIS A 192 2.03 3.96 -14.28
C HIS A 192 2.87 5.09 -13.70
N VAL A 193 2.74 6.27 -14.30
CA VAL A 193 3.46 7.46 -13.88
C VAL A 193 2.50 8.65 -13.77
N GLY A 194 2.76 9.56 -12.82
CA GLY A 194 1.94 10.75 -12.64
C GLY A 194 1.91 11.69 -13.84
N PRO A 195 0.82 12.46 -13.98
CA PRO A 195 0.59 13.29 -15.17
C PRO A 195 1.36 14.64 -15.20
N GLU A 196 2.09 14.97 -14.14
CA GLU A 196 2.90 16.20 -14.13
C GLU A 196 4.32 15.97 -13.61
N GLY A 197 5.28 16.52 -14.35
CA GLY A 197 6.67 16.47 -13.95
C GLY A 197 7.40 15.23 -14.42
N ASN A 198 6.79 14.50 -15.34
CA ASN A 198 7.48 13.39 -15.98
C ASN A 198 8.03 13.77 -17.33
N TYR A 199 9.30 13.47 -17.54
CA TYR A 199 10.01 13.89 -18.75
C TYR A 199 10.56 12.70 -19.54
N MET A 200 10.21 11.50 -19.10
CA MET A 200 10.73 10.26 -19.69
C MET A 200 10.31 10.09 -21.15
N VAL A 201 9.08 10.49 -21.47
CA VAL A 201 8.53 10.36 -22.83
C VAL A 201 9.41 11.01 -23.91
N LYS A 202 10.18 12.02 -23.52
CA LYS A 202 11.08 12.70 -24.44
C LYS A 202 12.39 11.96 -24.64
N LEU A 203 12.72 11.06 -23.71
CA LEU A 203 14.00 10.36 -23.70
C LEU A 203 14.00 9.07 -24.51
N GLY A 204 12.95 8.27 -24.35
CA GLY A 204 12.86 6.98 -25.02
C GLY A 204 11.53 6.29 -24.78
N PRO A 205 11.36 5.07 -25.33
CA PRO A 205 10.09 4.36 -25.19
C PRO A 205 9.94 3.69 -23.81
N TYR A 206 9.91 4.52 -22.77
CA TYR A 206 9.65 4.08 -21.40
C TYR A 206 8.24 3.51 -21.24
N PHE A 207 7.30 4.04 -22.02
CA PHE A 207 5.91 3.67 -21.89
C PHE A 207 5.38 2.84 -23.04
N SER A 208 4.47 1.93 -22.70
CA SER A 208 3.85 1.07 -23.68
C SER A 208 2.85 1.84 -24.51
N GLN A 209 2.83 1.54 -25.81
CA GLN A 209 1.78 2.04 -26.68
C GLN A 209 0.62 1.05 -26.69
N LYS A 210 0.91 -0.17 -26.25
CA LYS A 210 -0.03 -1.28 -26.33
C LYS A 210 -1.31 -0.99 -25.56
N TYR A 211 -1.19 -0.68 -24.27
CA TYR A 211 -2.35 -0.27 -23.49
C TYR A 211 -2.00 0.90 -22.54
N LYS A 212 -3.03 1.42 -21.87
CA LYS A 212 -2.83 2.39 -20.81
C LYS A 212 -3.75 2.12 -19.62
N THR A 213 -3.36 2.64 -18.47
CA THR A 213 -4.13 2.54 -17.22
C THR A 213 -5.15 3.68 -17.12
N PRO A 214 -6.10 3.60 -16.16
CA PRO A 214 -7.00 4.74 -15.95
C PRO A 214 -6.27 5.99 -15.43
N TRP A 215 -5.01 5.84 -15.03
CA TRP A 215 -4.26 6.91 -14.36
C TRP A 215 -3.07 7.43 -15.17
N GLY A 216 -3.03 7.05 -16.45
CA GLY A 216 -1.90 7.40 -17.31
C GLY A 216 -1.38 6.21 -18.09
N LEU A 217 -0.25 6.41 -18.76
CA LEU A 217 0.34 5.36 -19.60
C LEU A 217 1.17 4.41 -18.75
N THR A 218 1.15 3.13 -19.11
CA THR A 218 1.88 2.09 -18.39
C THR A 218 3.32 1.95 -18.89
N PHE A 219 4.17 1.30 -18.10
CA PHE A 219 5.56 1.07 -18.51
C PHE A 219 5.68 0.03 -19.63
N ASN A 220 6.73 0.18 -20.43
CA ASN A 220 7.05 -0.74 -21.53
C ASN A 220 7.93 -1.92 -21.08
N PHE A 221 7.32 -3.09 -20.90
CA PHE A 221 8.05 -4.25 -20.37
C PHE A 221 8.33 -5.37 -21.37
N ASP A 222 7.56 -5.43 -22.46
CA ASP A 222 7.62 -6.58 -23.37
C ASP A 222 7.85 -6.25 -24.85
N ASP A 223 8.12 -4.97 -25.13
CA ASP A 223 8.24 -4.50 -26.51
C ASP A 223 9.62 -3.89 -26.80
N ALA A 224 9.76 -3.29 -27.97
CA ALA A 224 11.02 -2.69 -28.39
C ALA A 224 11.64 -1.84 -27.29
N GLU A 225 12.91 -2.14 -27.02
CA GLU A 225 13.76 -1.37 -26.08
C GLU A 225 13.39 -1.51 -24.59
N SER A 226 12.57 -2.51 -24.28
CA SER A 226 12.09 -2.74 -22.92
C SER A 226 13.12 -3.26 -21.92
N ASP A 227 14.24 -3.79 -22.41
CA ASP A 227 15.32 -4.24 -21.51
C ASP A 227 15.67 -3.18 -20.47
N GLU A 228 15.88 -1.96 -20.96
CA GLU A 228 16.30 -0.80 -20.17
C GLU A 228 15.28 -0.39 -19.13
N VAL A 229 14.00 -0.45 -19.48
CA VAL A 229 12.93 -0.09 -18.57
C VAL A 229 12.65 -1.17 -17.51
N ARG A 230 12.80 -2.44 -17.89
CA ARG A 230 12.81 -3.52 -16.91
C ARG A 230 13.90 -3.22 -15.87
N LYS A 231 15.08 -2.86 -16.35
CA LYS A 231 16.23 -2.55 -15.51
C LYS A 231 15.95 -1.36 -14.58
N PHE A 232 15.31 -0.33 -15.12
CA PHE A 232 14.95 0.87 -14.37
C PHE A 232 14.06 0.54 -13.16
N ILE A 233 13.10 -0.36 -13.35
CA ILE A 233 12.21 -0.77 -12.27
C ILE A 233 12.90 -1.74 -11.31
N LEU A 234 13.55 -2.77 -11.83
CA LEU A 234 14.23 -3.74 -10.97
C LEU A 234 15.37 -3.15 -10.13
N GLU A 235 16.04 -2.13 -10.65
CA GLU A 235 17.10 -1.48 -9.89
C GLU A 235 16.55 -0.52 -8.84
N ASN A 236 15.30 -0.11 -9.04
CA ASN A 236 14.61 0.70 -8.05
C ASN A 236 14.26 -0.09 -6.79
N VAL A 237 13.84 -1.35 -6.95
CA VAL A 237 13.55 -2.16 -5.76
C VAL A 237 14.86 -2.54 -5.06
N GLU A 238 15.92 -2.75 -5.83
CA GLU A 238 17.26 -2.91 -5.27
C GLU A 238 17.70 -1.64 -4.51
N TYR A 239 17.42 -0.48 -5.09
CA TYR A 239 17.82 0.81 -4.51
C TYR A 239 17.17 1.08 -3.15
N TRP A 240 15.87 0.82 -3.04
CA TRP A 240 15.16 1.03 -1.80
C TRP A 240 15.69 0.12 -0.70
N ILE A 241 16.07 -1.11 -1.05
CA ILE A 241 16.59 -2.06 -0.07
C ILE A 241 17.98 -1.64 0.42
N LYS A 242 18.88 -1.39 -0.52
CA LYS A 242 20.28 -1.09 -0.20
C LYS A 242 20.53 0.31 0.37
N GLU A 243 19.80 1.31 -0.12
CA GLU A 243 20.04 2.70 0.30
C GLU A 243 19.22 3.18 1.49
N TYR A 244 18.13 2.47 1.79
CA TYR A 244 17.26 2.88 2.88
C TYR A 244 16.94 1.75 3.85
N ASN A 245 17.36 0.54 3.52
CA ASN A 245 17.20 -0.62 4.40
C ASN A 245 15.74 -0.95 4.70
N VAL A 246 14.89 -0.70 3.71
CA VAL A 246 13.47 -1.01 3.79
C VAL A 246 13.23 -2.51 3.97
N ASP A 247 12.20 -2.88 4.72
CA ASP A 247 11.91 -4.28 5.01
C ASP A 247 11.11 -5.00 3.94
N GLY A 248 10.38 -4.24 3.14
CA GLY A 248 9.51 -4.82 2.12
C GLY A 248 8.70 -3.82 1.32
N PHE A 249 7.85 -4.34 0.45
CA PHE A 249 7.14 -3.51 -0.50
C PHE A 249 5.68 -3.93 -0.62
N ARG A 250 4.82 -2.93 -0.81
CA ARG A 250 3.47 -3.13 -1.29
C ARG A 250 3.44 -2.66 -2.74
N LEU A 251 3.26 -3.59 -3.66
CA LEU A 251 3.24 -3.28 -5.08
C LEU A 251 1.86 -2.82 -5.50
N ASP A 252 1.79 -1.58 -5.98
CA ASP A 252 0.55 -0.97 -6.42
C ASP A 252 0.03 -1.61 -7.69
N ALA A 253 -1.29 -1.89 -7.71
CA ALA A 253 -2.03 -2.32 -8.90
C ALA A 253 -1.27 -3.25 -9.85
N VAL A 254 -0.94 -4.44 -9.36
CA VAL A 254 -0.16 -5.38 -10.16
C VAL A 254 -0.93 -5.89 -11.39
N HIS A 255 -2.26 -5.85 -11.33
CA HIS A 255 -3.13 -6.23 -12.45
C HIS A 255 -2.95 -5.33 -13.66
N ALA A 256 -2.47 -4.11 -13.43
CA ALA A 256 -2.17 -3.14 -14.48
C ALA A 256 -0.68 -3.15 -14.87
N ILE A 257 0.06 -4.16 -14.44
CA ILE A 257 1.41 -4.40 -14.95
C ILE A 257 1.37 -5.58 -15.92
N ILE A 258 1.27 -5.27 -17.21
CA ILE A 258 1.08 -6.29 -18.23
C ILE A 258 2.40 -6.63 -18.92
N ASP A 259 2.68 -7.93 -19.00
CA ASP A 259 3.96 -8.42 -19.51
C ASP A 259 3.81 -9.79 -20.18
N THR A 260 4.09 -9.82 -21.49
CA THR A 260 3.96 -11.05 -22.28
C THR A 260 5.30 -11.79 -22.44
N SER A 261 6.33 -11.33 -21.73
CA SER A 261 7.68 -11.90 -21.78
C SER A 261 7.71 -13.34 -21.24
N PRO A 262 8.76 -14.11 -21.59
CA PRO A 262 8.87 -15.48 -21.06
C PRO A 262 8.83 -15.53 -19.53
N LYS A 263 9.46 -14.55 -18.90
CA LYS A 263 9.40 -14.41 -17.45
C LYS A 263 8.82 -13.05 -17.08
N HIS A 264 7.69 -13.08 -16.37
CA HIS A 264 6.97 -11.87 -16.01
C HIS A 264 7.83 -10.97 -15.11
N ILE A 265 7.69 -9.65 -15.29
CA ILE A 265 8.45 -8.68 -14.50
C ILE A 265 8.11 -8.79 -13.01
N LEU A 266 6.87 -9.21 -12.70
CA LEU A 266 6.44 -9.41 -11.31
C LEU A 266 7.21 -10.55 -10.64
N GLU A 267 7.53 -11.58 -11.40
CA GLU A 267 8.36 -12.66 -10.87
C GLU A 267 9.78 -12.14 -10.63
N GLU A 268 10.25 -11.27 -11.51
CA GLU A 268 11.59 -10.71 -11.38
C GLU A 268 11.66 -9.72 -10.22
N ILE A 269 10.59 -8.96 -10.03
CA ILE A 269 10.48 -8.04 -8.87
C ILE A 269 10.60 -8.84 -7.57
N ALA A 270 9.81 -9.91 -7.43
CA ALA A 270 9.88 -10.78 -6.26
C ALA A 270 11.24 -11.41 -6.10
N ASP A 271 11.85 -11.80 -7.22
CA ASP A 271 13.21 -12.37 -7.24
C ASP A 271 14.23 -11.45 -6.58
N VAL A 272 14.14 -10.16 -6.88
CA VAL A 272 15.05 -9.17 -6.30
C VAL A 272 14.85 -9.03 -4.80
N VAL A 273 13.59 -8.95 -4.35
CA VAL A 273 13.34 -8.76 -2.93
C VAL A 273 13.74 -10.01 -2.12
N HIS A 274 13.57 -11.20 -2.69
CA HIS A 274 13.91 -12.41 -1.96
C HIS A 274 15.42 -12.69 -1.99
N LYS A 275 16.09 -12.11 -2.97
CA LYS A 275 17.54 -12.20 -3.05
C LYS A 275 18.15 -11.48 -1.87
N TYR A 276 17.48 -10.40 -1.45
CA TYR A 276 17.91 -9.63 -0.28
C TYR A 276 17.03 -9.87 0.93
N ASN A 277 16.39 -11.05 0.96
CA ASN A 277 15.61 -11.55 2.10
C ASN A 277 14.51 -10.61 2.65
N ARG A 278 13.79 -9.95 1.75
CA ARG A 278 12.71 -9.03 2.14
C ARG A 278 11.33 -9.62 1.83
N ILE A 279 10.31 -8.76 1.83
CA ILE A 279 8.92 -9.18 1.67
C ILE A 279 8.19 -8.32 0.64
N VAL A 280 7.46 -8.98 -0.26
CA VAL A 280 6.56 -8.28 -1.18
C VAL A 280 5.11 -8.66 -0.97
N ILE A 281 4.28 -7.63 -0.85
CA ILE A 281 2.84 -7.75 -0.85
C ILE A 281 2.37 -7.10 -2.14
N ALA A 282 1.33 -7.66 -2.75
CA ALA A 282 0.81 -7.13 -3.99
C ALA A 282 -0.65 -6.72 -3.86
N GLN A 283 -1.00 -5.55 -4.38
CA GLN A 283 -2.41 -5.21 -4.57
C GLN A 283 -2.86 -5.82 -5.88
N SER A 284 -3.76 -6.80 -5.80
CA SER A 284 -4.23 -7.50 -6.99
C SER A 284 -5.75 -7.48 -7.11
N ASP A 285 -6.25 -7.08 -8.28
CA ASP A 285 -7.67 -7.15 -8.60
C ASP A 285 -8.00 -8.43 -9.37
N LEU A 286 -7.01 -9.30 -9.52
CA LEU A 286 -7.12 -10.44 -10.42
C LEU A 286 -7.90 -11.60 -9.83
N ASN A 287 -7.90 -11.71 -8.50
CA ASN A 287 -8.41 -12.88 -7.79
C ASN A 287 -7.81 -14.14 -8.39
N ASP A 288 -6.51 -14.07 -8.65
CA ASP A 288 -5.76 -15.12 -9.33
C ASP A 288 -4.58 -15.49 -8.45
N PRO A 289 -4.53 -16.75 -7.99
CA PRO A 289 -3.48 -17.22 -7.10
C PRO A 289 -2.07 -17.23 -7.70
N ARG A 290 -1.96 -16.99 -9.00
CA ARG A 290 -0.65 -16.95 -9.68
C ARG A 290 0.28 -15.86 -9.16
N VAL A 291 -0.32 -14.79 -8.64
CA VAL A 291 0.45 -13.69 -8.07
C VAL A 291 1.23 -14.22 -6.86
N VAL A 292 0.63 -15.18 -6.18
CA VAL A 292 1.08 -15.57 -4.84
C VAL A 292 1.64 -16.99 -4.78
N ASN A 293 1.32 -17.81 -5.80
CA ASN A 293 1.80 -19.18 -5.88
C ASN A 293 3.32 -19.32 -5.98
N PRO A 294 3.87 -20.46 -5.51
CA PRO A 294 5.29 -20.74 -5.72
C PRO A 294 5.62 -20.87 -7.22
N LYS A 295 6.90 -20.71 -7.57
CA LYS A 295 7.34 -20.80 -8.95
C LYS A 295 7.06 -22.16 -9.56
N GLU A 296 7.22 -23.21 -8.76
CA GLU A 296 6.97 -24.58 -9.18
C GLU A 296 5.47 -24.85 -9.37
N LYS A 297 4.64 -23.84 -9.06
CA LYS A 297 3.21 -23.91 -9.36
C LYS A 297 2.80 -22.77 -10.29
N CYS A 298 3.74 -22.29 -11.09
CA CYS A 298 3.49 -21.33 -12.18
C CYS A 298 3.14 -19.93 -11.68
N GLY A 299 3.48 -19.65 -10.43
CA GLY A 299 3.24 -18.34 -9.82
C GLY A 299 4.45 -17.43 -9.79
N TYR A 300 4.22 -16.16 -9.44
CA TYR A 300 5.30 -15.16 -9.36
C TYR A 300 5.98 -15.15 -7.99
N ASN A 301 5.40 -15.88 -7.05
CA ASN A 301 5.97 -16.06 -5.72
C ASN A 301 6.01 -14.79 -4.84
N ILE A 302 5.08 -13.87 -5.09
CA ILE A 302 4.86 -12.72 -4.19
C ILE A 302 4.44 -13.31 -2.83
N ASP A 303 4.82 -12.65 -1.74
CA ASP A 303 4.57 -13.21 -0.40
C ASP A 303 3.10 -13.22 -0.01
N ALA A 304 2.41 -12.15 -0.38
CA ALA A 304 1.00 -11.98 -0.06
C ALA A 304 0.36 -10.97 -1.00
N GLN A 305 -0.96 -10.97 -1.04
CA GLN A 305 -1.73 -10.01 -1.82
C GLN A 305 -2.96 -9.53 -1.04
N TRP A 306 -3.33 -8.27 -1.25
CA TRP A 306 -4.57 -7.72 -0.73
C TRP A 306 -5.77 -8.51 -1.25
N VAL A 307 -6.72 -8.80 -0.37
CA VAL A 307 -7.96 -9.45 -0.77
C VAL A 307 -9.13 -8.51 -0.45
N ASP A 308 -9.51 -7.70 -1.43
CA ASP A 308 -10.64 -6.77 -1.27
C ASP A 308 -11.94 -7.50 -0.95
N ASP A 309 -12.07 -8.73 -1.45
CA ASP A 309 -13.28 -9.54 -1.23
C ASP A 309 -13.65 -9.64 0.26
N PHE A 310 -12.63 -9.73 1.12
CA PHE A 310 -12.84 -9.76 2.56
C PHE A 310 -13.48 -8.45 3.05
N HIS A 311 -12.83 -7.32 2.78
CA HIS A 311 -13.38 -6.01 3.12
C HIS A 311 -14.77 -5.81 2.52
N HIS A 312 -14.93 -6.12 1.24
CA HIS A 312 -16.18 -5.82 0.54
C HIS A 312 -17.32 -6.61 1.16
N SER A 313 -17.06 -7.86 1.54
CA SER A 313 -18.07 -8.69 2.20
C SER A 313 -18.57 -8.03 3.48
N ILE A 314 -17.64 -7.55 4.29
CA ILE A 314 -17.98 -6.95 5.57
C ILE A 314 -18.73 -5.64 5.36
N HIS A 315 -18.11 -4.72 4.62
CA HIS A 315 -18.67 -3.40 4.37
C HIS A 315 -20.08 -3.49 3.80
N ALA A 316 -20.23 -4.23 2.71
CA ALA A 316 -21.50 -4.34 2.02
C ALA A 316 -22.61 -4.86 2.94
N TYR A 317 -22.27 -5.87 3.74
CA TYR A 317 -23.22 -6.49 4.64
C TYR A 317 -23.61 -5.58 5.79
N LEU A 318 -22.64 -4.89 6.39
CA LEU A 318 -22.89 -4.05 7.55
C LEU A 318 -23.49 -2.68 7.22
N THR A 319 -23.12 -2.12 6.07
CA THR A 319 -23.62 -0.80 5.65
C THR A 319 -24.94 -0.86 4.89
N GLY A 320 -25.19 -1.98 4.20
CA GLY A 320 -26.35 -2.11 3.32
C GLY A 320 -26.08 -1.52 1.94
N GLU A 321 -24.84 -1.07 1.72
CA GLU A 321 -24.45 -0.36 0.52
C GLU A 321 -24.20 -1.29 -0.68
N ARG A 322 -24.63 -0.84 -1.86
CA ARG A 322 -24.56 -1.65 -3.08
C ARG A 322 -24.06 -0.89 -4.30
N GLN A 323 -23.71 0.39 -4.14
CA GLN A 323 -23.16 1.18 -5.25
C GLN A 323 -21.78 0.68 -5.71
N GLY A 324 -21.48 0.88 -6.98
CA GLY A 324 -20.20 0.49 -7.54
C GLY A 324 -19.91 -0.98 -7.34
N TYR A 325 -18.69 -1.30 -6.92
CA TYR A 325 -18.27 -2.70 -6.76
C TYR A 325 -18.99 -3.46 -5.65
N TYR A 326 -19.64 -2.74 -4.74
CA TYR A 326 -20.41 -3.37 -3.67
C TYR A 326 -21.60 -4.17 -4.18
N THR A 327 -22.03 -3.90 -5.41
CA THR A 327 -23.17 -4.60 -6.01
C THR A 327 -22.93 -6.10 -6.09
N ASP A 328 -21.66 -6.49 -6.09
CA ASP A 328 -21.26 -7.89 -6.15
C ASP A 328 -21.32 -8.57 -4.77
N PHE A 329 -21.66 -7.82 -3.73
CA PHE A 329 -21.58 -8.34 -2.36
C PHE A 329 -22.84 -7.93 -1.59
N GLY A 330 -22.92 -8.32 -0.33
CA GLY A 330 -24.04 -7.90 0.51
C GLY A 330 -24.61 -8.93 1.46
N ASN A 331 -24.42 -10.21 1.17
CA ASN A 331 -24.96 -11.27 2.02
C ASN A 331 -23.97 -11.78 3.06
N LEU A 332 -24.51 -12.30 4.16
CA LEU A 332 -23.72 -12.94 5.20
C LEU A 332 -22.86 -14.04 4.58
N ASP A 333 -23.47 -14.85 3.71
CA ASP A 333 -22.78 -15.90 2.96
C ASP A 333 -21.41 -15.46 2.44
N ASP A 334 -21.34 -14.22 1.92
CA ASP A 334 -20.10 -13.66 1.37
C ASP A 334 -18.98 -13.58 2.38
N ILE A 335 -19.31 -13.13 3.60
CA ILE A 335 -18.34 -13.08 4.68
C ILE A 335 -17.83 -14.49 5.06
N VAL A 336 -18.74 -15.44 5.20
CA VAL A 336 -18.35 -16.82 5.52
C VAL A 336 -17.54 -17.43 4.38
N LYS A 337 -17.95 -17.15 3.14
CA LYS A 337 -17.23 -17.59 1.96
C LYS A 337 -15.79 -17.10 2.02
N SER A 338 -15.61 -15.80 2.20
CA SER A 338 -14.28 -15.20 2.28
C SER A 338 -13.47 -15.72 3.48
N TYR A 339 -14.16 -16.04 4.56
CA TYR A 339 -13.50 -16.54 5.76
C TYR A 339 -12.92 -17.93 5.54
N LYS A 340 -13.55 -18.74 4.69
CA LYS A 340 -13.04 -20.09 4.47
C LYS A 340 -12.41 -20.40 3.11
N ASP A 341 -12.79 -19.67 2.07
CA ASP A 341 -12.24 -19.85 0.71
C ASP A 341 -11.42 -18.64 0.19
N VAL A 342 -11.20 -17.65 1.06
CA VAL A 342 -10.41 -16.43 0.74
C VAL A 342 -11.10 -15.48 -0.26
N PHE A 343 -11.21 -15.91 -1.52
CA PHE A 343 -11.94 -15.14 -2.52
C PHE A 343 -13.43 -15.46 -2.47
N VAL A 344 -14.27 -14.44 -2.63
CA VAL A 344 -15.71 -14.65 -2.85
C VAL A 344 -15.92 -14.91 -4.33
N TYR A 345 -15.12 -14.23 -5.16
CA TYR A 345 -15.15 -14.45 -6.60
C TYR A 345 -13.99 -15.32 -7.01
N ASP A 346 -14.25 -16.63 -6.96
CA ASP A 346 -13.25 -17.66 -7.23
C ASP A 346 -13.56 -18.40 -8.53
N GLY A 347 -14.00 -17.63 -9.52
CA GLY A 347 -14.41 -18.18 -10.80
C GLY A 347 -15.92 -18.26 -10.89
N LYS A 348 -16.59 -17.18 -10.49
CA LYS A 348 -18.03 -17.05 -10.72
C LYS A 348 -18.35 -15.69 -11.33
N TYR A 349 -19.57 -15.56 -11.86
CA TYR A 349 -19.97 -14.37 -12.61
C TYR A 349 -20.19 -13.14 -11.73
N SER A 350 -19.45 -12.07 -12.06
CA SER A 350 -19.61 -10.78 -11.41
C SER A 350 -20.49 -9.84 -12.23
N ASN A 351 -21.62 -9.43 -11.67
CA ASN A 351 -22.46 -8.41 -12.30
C ASN A 351 -21.74 -7.08 -12.51
N PHE A 352 -20.92 -6.70 -11.54
CA PHE A 352 -20.17 -5.46 -11.64
C PHE A 352 -19.24 -5.48 -12.84
N ARG A 353 -18.53 -6.60 -13.02
CA ARG A 353 -17.51 -6.71 -14.07
C ARG A 353 -18.08 -7.24 -15.39
N ARG A 354 -19.27 -7.82 -15.31
CA ARG A 354 -19.97 -8.47 -16.45
C ARG A 354 -19.11 -9.58 -17.08
N LYS A 355 -18.60 -10.46 -16.25
CA LYS A 355 -17.81 -11.62 -16.68
C LYS A 355 -17.49 -12.54 -15.51
N THR A 356 -17.10 -13.77 -15.82
CA THR A 356 -16.66 -14.70 -14.79
C THR A 356 -15.33 -14.17 -14.26
N HIS A 357 -15.18 -14.19 -12.95
CA HIS A 357 -14.03 -13.58 -12.31
C HIS A 357 -13.44 -14.46 -11.21
N GLY A 358 -12.13 -14.65 -11.28
CA GLY A 358 -11.39 -15.28 -10.20
C GLY A 358 -11.03 -16.73 -10.44
N GLU A 359 -10.47 -17.34 -9.40
CA GLU A 359 -9.94 -18.70 -9.46
C GLU A 359 -9.76 -19.16 -8.01
N PRO A 360 -10.13 -20.41 -7.69
CA PRO A 360 -9.89 -20.86 -6.32
C PRO A 360 -8.43 -20.78 -5.94
N VAL A 361 -8.18 -20.70 -4.64
CA VAL A 361 -6.87 -20.36 -4.11
C VAL A 361 -6.09 -21.58 -3.62
N GLY A 362 -6.75 -22.74 -3.56
CA GLY A 362 -6.10 -23.99 -3.13
C GLY A 362 -5.85 -24.06 -1.63
N GLU A 363 -4.80 -24.78 -1.26
CA GLU A 363 -4.45 -25.04 0.14
C GLU A 363 -3.44 -24.03 0.73
N LEU A 364 -3.22 -22.91 0.03
CA LEU A 364 -2.36 -21.83 0.54
C LEU A 364 -2.84 -21.37 1.90
N ASP A 365 -1.90 -21.16 2.82
CA ASP A 365 -2.27 -20.71 4.16
C ASP A 365 -2.61 -19.22 4.20
N GLY A 366 -3.10 -18.78 5.35
CA GLY A 366 -3.67 -17.44 5.49
C GLY A 366 -2.68 -16.30 5.31
N CYS A 367 -1.40 -16.55 5.56
CA CYS A 367 -0.42 -15.49 5.50
C CYS A 367 0.08 -15.13 4.09
N ASN A 368 -0.60 -15.67 3.07
CA ASN A 368 -0.46 -15.22 1.69
C ASN A 368 -1.46 -14.12 1.32
N PHE A 369 -2.23 -13.65 2.30
CA PHE A 369 -3.29 -12.68 2.04
C PHE A 369 -3.34 -11.59 3.11
N VAL A 370 -3.61 -10.35 2.70
CA VAL A 370 -3.80 -9.28 3.70
C VAL A 370 -5.21 -8.73 3.63
N VAL A 371 -5.81 -8.53 4.80
CA VAL A 371 -7.19 -8.08 4.91
C VAL A 371 -7.28 -6.85 5.80
N TYR A 372 -8.44 -6.19 5.75
CA TYR A 372 -8.64 -4.84 6.30
C TYR A 372 -10.13 -4.49 6.21
N ILE A 373 -10.60 -3.63 7.10
CA ILE A 373 -11.94 -3.05 6.96
C ILE A 373 -11.85 -1.60 6.48
N GLN A 374 -10.64 -1.05 6.56
CA GLN A 374 -10.36 0.32 6.13
C GLN A 374 -8.98 0.41 5.48
N ASN A 375 -8.89 1.24 4.44
CA ASN A 375 -7.61 1.69 3.89
C ASN A 375 -7.80 2.96 3.06
N HIS A 376 -6.71 3.52 2.55
CA HIS A 376 -6.79 4.78 1.81
C HIS A 376 -7.80 4.76 0.66
N ASP A 377 -8.00 3.59 0.05
CA ASP A 377 -8.94 3.46 -1.06
C ASP A 377 -10.39 3.35 -0.61
N GLN A 378 -10.65 2.44 0.31
CA GLN A 378 -12.01 2.18 0.78
C GLN A 378 -12.59 3.34 1.58
N VAL A 379 -11.71 4.22 2.07
CA VAL A 379 -12.15 5.46 2.67
C VAL A 379 -12.13 6.59 1.61
N GLY A 380 -10.97 6.80 1.00
CA GLY A 380 -10.71 7.98 0.19
C GLY A 380 -11.34 8.08 -1.18
N ASN A 381 -11.77 6.96 -1.74
CA ASN A 381 -12.46 6.97 -3.04
C ASN A 381 -13.96 7.19 -2.92
N ARG A 382 -14.44 7.32 -1.68
CA ARG A 382 -15.80 7.76 -1.43
C ARG A 382 -15.83 9.27 -1.61
N GLY A 383 -16.88 9.76 -2.28
CA GLY A 383 -17.03 11.18 -2.58
C GLY A 383 -16.97 12.06 -1.34
N LYS A 384 -17.57 11.59 -0.25
CA LYS A 384 -17.52 12.30 1.04
C LYS A 384 -16.45 11.74 1.97
N GLY A 385 -15.60 10.85 1.43
CA GLY A 385 -14.48 10.24 2.16
C GLY A 385 -14.75 9.74 3.57
N GLU A 386 -15.94 9.21 3.82
CA GLU A 386 -16.33 8.77 5.16
C GLU A 386 -15.65 7.48 5.58
N ARG A 387 -15.07 7.48 6.78
CA ARG A 387 -14.53 6.26 7.40
C ARG A 387 -15.70 5.38 7.83
N ILE A 388 -15.48 4.07 7.95
CA ILE A 388 -16.58 3.14 8.18
C ILE A 388 -17.32 3.41 9.49
N ILE A 389 -16.61 4.04 10.43
CA ILE A 389 -17.17 4.47 11.70
C ILE A 389 -18.43 5.34 11.54
N LYS A 390 -18.61 5.94 10.36
CA LYS A 390 -19.74 6.84 10.08
C LYS A 390 -20.93 6.12 9.45
N LEU A 391 -20.71 4.87 9.05
CA LEU A 391 -21.69 4.13 8.25
C LEU A 391 -22.35 3.00 9.02
N VAL A 392 -21.77 2.66 10.17
CA VAL A 392 -22.28 1.59 11.03
C VAL A 392 -22.34 2.06 12.49
N ASP A 393 -23.09 1.34 13.32
CA ASP A 393 -23.16 1.69 14.74
C ASP A 393 -21.92 1.21 15.50
N ARG A 394 -21.81 1.60 16.77
CA ARG A 394 -20.66 1.25 17.60
C ARG A 394 -20.43 -0.26 17.64
N GLU A 395 -21.49 -1.01 17.93
CA GLU A 395 -21.42 -2.48 17.97
C GLU A 395 -20.85 -3.08 16.68
N SER A 396 -21.40 -2.64 15.54
CA SER A 396 -20.97 -3.13 14.24
C SER A 396 -19.51 -2.84 13.97
N TYR A 397 -19.04 -1.66 14.39
CA TYR A 397 -17.66 -1.25 14.19
C TYR A 397 -16.74 -2.23 14.88
N LYS A 398 -17.00 -2.50 16.15
CA LYS A 398 -16.23 -3.48 16.90
C LYS A 398 -16.37 -4.91 16.35
N ILE A 399 -17.55 -5.24 15.81
CA ILE A 399 -17.74 -6.54 15.16
C ILE A 399 -16.86 -6.63 13.91
N ALA A 400 -16.85 -5.56 13.11
CA ALA A 400 -15.99 -5.47 11.92
C ALA A 400 -14.52 -5.60 12.27
N ALA A 401 -14.09 -4.92 13.33
CA ALA A 401 -12.69 -4.94 13.75
C ALA A 401 -12.27 -6.33 14.19
N ALA A 402 -13.14 -7.00 14.94
CA ALA A 402 -12.89 -8.36 15.40
C ALA A 402 -12.80 -9.36 14.23
N LEU A 403 -13.69 -9.23 13.26
CA LEU A 403 -13.72 -10.14 12.12
C LEU A 403 -12.36 -10.25 11.42
N TYR A 404 -11.74 -9.11 11.12
CA TYR A 404 -10.51 -9.15 10.33
C TYR A 404 -9.26 -9.37 11.17
N LEU A 405 -9.21 -8.76 12.36
CA LEU A 405 -8.05 -8.93 13.22
C LEU A 405 -7.95 -10.35 13.76
N LEU A 406 -9.08 -11.04 13.87
CA LEU A 406 -9.07 -12.44 14.33
C LEU A 406 -9.15 -13.46 13.18
N SER A 407 -8.94 -12.99 11.96
CA SER A 407 -8.95 -13.86 10.77
C SER A 407 -7.59 -14.53 10.53
N PRO A 408 -7.56 -15.61 9.71
CA PRO A 408 -6.30 -16.30 9.38
C PRO A 408 -5.31 -15.44 8.59
N TYR A 409 -5.77 -14.31 8.06
CA TYR A 409 -4.99 -13.53 7.12
C TYR A 409 -4.16 -12.46 7.83
N ILE A 410 -3.27 -11.82 7.09
CA ILE A 410 -2.51 -10.68 7.64
C ILE A 410 -3.45 -9.48 7.72
N PRO A 411 -3.64 -8.93 8.93
CA PRO A 411 -4.49 -7.76 9.08
C PRO A 411 -3.75 -6.44 8.86
N MET A 412 -4.44 -5.50 8.20
CA MET A 412 -3.90 -4.16 8.05
C MET A 412 -4.85 -3.10 8.62
N ILE A 413 -4.35 -2.37 9.62
CA ILE A 413 -5.08 -1.26 10.23
C ILE A 413 -4.81 0.05 9.48
N PHE A 414 -5.88 0.78 9.16
CA PHE A 414 -5.75 2.10 8.54
C PHE A 414 -5.58 3.18 9.60
N MET A 415 -4.53 3.99 9.46
CA MET A 415 -4.18 5.03 10.44
C MET A 415 -5.40 5.74 11.06
N GLY A 416 -5.60 5.54 12.36
CA GLY A 416 -6.67 6.24 13.08
C GLY A 416 -7.84 5.35 13.42
N GLU A 417 -8.09 4.39 12.55
CA GLU A 417 -9.12 3.36 12.76
C GLU A 417 -9.13 2.84 14.20
N GLU A 418 -7.93 2.60 14.74
CA GLU A 418 -7.73 1.94 16.03
C GLU A 418 -8.25 2.73 17.24
N TYR A 419 -8.23 4.06 17.15
CA TYR A 419 -8.72 4.85 18.28
C TYR A 419 -10.09 5.44 18.00
N GLY A 420 -10.66 5.08 16.86
CA GLY A 420 -11.99 5.56 16.49
C GLY A 420 -12.03 6.93 15.85
N GLU A 421 -11.04 7.23 14.99
CA GLU A 421 -10.99 8.50 14.24
C GLU A 421 -12.27 8.71 13.45
N GLU A 422 -12.77 9.94 13.44
CA GLU A 422 -14.01 10.25 12.73
C GLU A 422 -13.80 11.15 11.51
N ASN A 423 -12.62 11.79 11.43
CA ASN A 423 -12.32 12.69 10.30
C ASN A 423 -12.33 11.97 8.97
N PRO A 424 -12.89 12.61 7.95
CA PRO A 424 -12.87 12.00 6.62
C PRO A 424 -11.44 11.86 6.10
N PHE A 425 -11.26 11.01 5.10
CA PHE A 425 -10.02 10.99 4.33
C PHE A 425 -10.40 11.24 2.88
N TYR A 426 -10.02 12.40 2.37
CA TYR A 426 -10.43 12.83 1.03
C TYR A 426 -9.32 12.51 0.02
N PHE A 427 -9.66 12.61 -1.26
CA PHE A 427 -8.64 12.65 -2.30
C PHE A 427 -8.18 14.09 -2.48
N PHE A 428 -6.87 14.29 -2.42
CA PHE A 428 -6.29 15.61 -2.59
C PHE A 428 -5.09 15.53 -3.51
N SER A 429 -4.86 16.62 -4.24
CA SER A 429 -3.71 16.76 -5.13
C SER A 429 -3.18 18.18 -5.04
N ASP A 430 -2.03 18.41 -5.68
CA ASP A 430 -1.35 19.72 -5.62
C ASP A 430 -0.63 20.03 -6.93
N PHE A 431 -1.32 19.83 -8.04
CA PHE A 431 -0.79 20.10 -9.38
C PHE A 431 -0.70 21.61 -9.62
N SER A 432 0.23 22.03 -10.48
CA SER A 432 0.36 23.43 -10.84
C SER A 432 -0.14 23.73 -12.25
N ASP A 433 -0.12 22.70 -13.11
CA ASP A 433 -0.62 22.76 -14.49
C ASP A 433 -2.14 22.95 -14.50
N SER A 434 -2.60 24.03 -15.12
CA SER A 434 -4.03 24.39 -15.06
C SER A 434 -4.97 23.35 -15.70
N LYS A 435 -4.48 22.63 -16.71
CA LYS A 435 -5.24 21.55 -17.37
C LYS A 435 -5.54 20.37 -16.43
N LEU A 436 -4.55 20.00 -15.61
CA LEU A 436 -4.70 18.91 -14.65
C LEU A 436 -5.47 19.34 -13.41
N ILE A 437 -5.45 20.64 -13.12
CA ILE A 437 -6.27 21.23 -12.06
C ILE A 437 -7.75 21.20 -12.48
N GLN A 438 -7.99 21.43 -13.77
CA GLN A 438 -9.30 21.31 -14.40
C GLN A 438 -9.80 19.85 -14.39
N GLY A 439 -8.94 18.93 -14.82
CA GLY A 439 -9.29 17.52 -14.97
C GLY A 439 -9.53 16.76 -13.67
N VAL A 440 -8.78 17.09 -12.63
CA VAL A 440 -8.89 16.42 -11.32
C VAL A 440 -10.24 16.69 -10.66
N ARG A 441 -10.67 17.95 -10.70
CA ARG A 441 -11.95 18.36 -10.11
C ARG A 441 -13.12 17.67 -10.80
N GLU A 442 -13.17 17.81 -12.13
CA GLU A 442 -14.26 17.28 -12.93
C GLU A 442 -14.27 15.76 -12.96
N GLY A 443 -13.08 15.16 -12.91
CA GLY A 443 -12.92 13.71 -12.86
C GLY A 443 -13.37 13.13 -11.53
N ARG A 444 -12.90 13.73 -10.43
CA ARG A 444 -13.30 13.32 -9.09
C ARG A 444 -14.77 13.57 -8.79
N LYS A 445 -15.34 14.60 -9.44
CA LYS A 445 -16.78 14.89 -9.33
C LYS A 445 -17.59 13.82 -10.04
N LYS A 446 -17.18 13.49 -11.27
CA LYS A 446 -17.92 12.56 -12.13
C LYS A 446 -17.81 11.11 -11.65
N GLU A 447 -16.57 10.68 -11.39
CA GLU A 447 -16.28 9.28 -11.06
C GLU A 447 -16.60 8.90 -9.60
N ASN A 448 -16.30 9.79 -8.66
CA ASN A 448 -16.42 9.48 -7.24
C ASN A 448 -17.55 10.21 -6.49
N GLY A 449 -18.03 11.31 -7.06
CA GLY A 449 -19.05 12.14 -6.43
C GLY A 449 -18.47 13.06 -5.37
N GLN A 450 -17.18 13.39 -5.53
CA GLN A 450 -16.48 14.26 -4.59
C GLN A 450 -16.87 15.71 -4.82
N ASP A 451 -17.42 16.34 -3.78
CA ASP A 451 -17.81 17.75 -3.85
C ASP A 451 -16.71 18.68 -3.36
N THR A 452 -15.91 18.21 -2.41
CA THR A 452 -14.71 18.92 -1.99
C THR A 452 -13.72 18.95 -3.15
N ASP A 453 -13.05 20.07 -3.29
CA ASP A 453 -12.05 20.27 -4.32
C ASP A 453 -10.73 19.60 -3.89
N PRO A 454 -10.24 18.63 -4.69
CA PRO A 454 -8.97 17.97 -4.35
C PRO A 454 -7.81 18.96 -4.27
N GLN A 455 -7.85 19.98 -5.12
CA GLN A 455 -6.80 21.00 -5.18
C GLN A 455 -6.86 22.02 -4.05
N ASP A 456 -7.99 22.08 -3.35
CA ASP A 456 -8.13 22.97 -2.20
C ASP A 456 -7.35 22.46 -1.00
N GLU A 457 -6.60 23.36 -0.37
CA GLU A 457 -5.79 23.02 0.80
C GLU A 457 -6.62 22.48 1.97
N SER A 458 -7.84 22.99 2.11
CA SER A 458 -8.74 22.58 3.18
C SER A 458 -9.13 21.10 3.10
N THR A 459 -9.13 20.56 1.88
CA THR A 459 -9.47 19.17 1.63
C THR A 459 -8.40 18.24 2.20
N PHE A 460 -7.16 18.73 2.17
CA PHE A 460 -6.02 18.06 2.74
C PHE A 460 -6.05 18.20 4.26
N ASN A 461 -6.25 19.42 4.73
CA ASN A 461 -6.28 19.70 6.17
C ASN A 461 -7.39 18.93 6.87
N ALA A 462 -8.53 18.78 6.20
CA ALA A 462 -9.68 18.06 6.76
C ALA A 462 -9.42 16.57 6.86
N SER A 463 -8.40 16.09 6.15
CA SER A 463 -8.04 14.66 6.15
C SER A 463 -6.99 14.32 7.20
N LYS A 464 -6.40 15.34 7.83
CA LYS A 464 -5.40 15.13 8.89
C LYS A 464 -6.07 14.47 10.07
N LEU A 465 -5.44 13.44 10.62
CA LEU A 465 -5.95 12.77 11.81
C LEU A 465 -6.15 13.77 12.96
N SER A 466 -7.18 13.54 13.77
CA SER A 466 -7.46 14.39 14.93
C SER A 466 -6.63 13.99 16.14
N TRP A 467 -6.35 12.69 16.24
CA TRP A 467 -5.69 12.10 17.41
C TRP A 467 -6.53 12.15 18.70
N LYS A 468 -7.83 12.37 18.53
CA LYS A 468 -8.82 12.36 19.59
C LYS A 468 -9.13 10.90 19.96
N ILE A 469 -8.52 10.43 21.05
CA ILE A 469 -8.61 9.03 21.44
C ILE A 469 -9.97 8.68 22.02
N ASP A 470 -10.62 7.68 21.44
CA ASP A 470 -11.77 7.02 22.07
C ASP A 470 -11.22 5.77 22.77
N GLU A 471 -11.00 5.89 24.07
CA GLU A 471 -10.33 4.86 24.87
C GLU A 471 -10.99 3.48 24.87
N GLU A 472 -12.31 3.45 24.68
CA GLU A 472 -13.04 2.19 24.62
C GLU A 472 -12.70 1.41 23.34
N ILE A 473 -12.58 2.14 22.21
CA ILE A 473 -12.18 1.54 20.94
C ILE A 473 -10.71 1.13 20.98
N PHE A 474 -9.83 2.02 21.43
CA PHE A 474 -8.39 1.74 21.43
C PHE A 474 -8.05 0.51 22.26
N SER A 475 -8.61 0.43 23.46
CA SER A 475 -8.40 -0.72 24.35
C SER A 475 -8.88 -2.01 23.69
N PHE A 476 -9.95 -1.90 22.91
CA PHE A 476 -10.54 -3.01 22.17
C PHE A 476 -9.56 -3.56 21.11
N TYR A 477 -9.02 -2.67 20.28
CA TYR A 477 -7.97 -3.01 19.30
C TYR A 477 -6.73 -3.59 19.97
N LYS A 478 -6.23 -2.91 21.01
CA LYS A 478 -5.02 -3.33 21.70
C LYS A 478 -5.12 -4.79 22.16
N ILE A 479 -6.26 -5.15 22.74
CA ILE A 479 -6.47 -6.52 23.24
C ILE A 479 -6.69 -7.50 22.09
N LEU A 480 -7.44 -7.07 21.07
CA LEU A 480 -7.68 -7.84 19.86
C LEU A 480 -6.35 -8.29 19.25
N ILE A 481 -5.44 -7.34 19.04
CA ILE A 481 -4.08 -7.61 18.57
C ILE A 481 -3.33 -8.56 19.50
N LYS A 482 -3.38 -8.30 20.80
CA LYS A 482 -2.74 -9.16 21.79
C LYS A 482 -3.24 -10.61 21.72
N MET A 483 -4.56 -10.77 21.75
CA MET A 483 -5.19 -12.09 21.74
C MET A 483 -4.89 -12.88 20.45
N ARG A 484 -4.86 -12.19 19.32
CA ARG A 484 -4.49 -12.80 18.04
C ARG A 484 -3.16 -13.53 18.13
N LYS A 485 -2.14 -12.84 18.65
CA LYS A 485 -0.81 -13.41 18.83
C LYS A 485 -0.84 -14.59 19.80
N GLU A 486 -1.52 -14.38 20.91
CA GLU A 486 -1.61 -15.37 21.99
C GLU A 486 -2.34 -16.65 21.55
N LEU A 487 -3.33 -16.51 20.68
CA LEU A 487 -4.17 -17.62 20.26
C LEU A 487 -3.67 -18.33 18.99
N SER A 488 -2.52 -17.91 18.48
CA SER A 488 -1.92 -18.46 17.26
C SER A 488 -2.92 -18.52 16.09
N ILE A 489 -3.62 -17.41 15.87
CA ILE A 489 -4.60 -17.30 14.81
C ILE A 489 -3.96 -17.12 13.45
N ALA A 490 -2.78 -16.49 13.42
CA ALA A 490 -2.08 -16.18 12.18
C ALA A 490 -1.89 -17.39 11.24
N CYS A 491 -2.22 -17.17 9.97
CA CYS A 491 -2.00 -18.14 8.86
C CYS A 491 -2.93 -19.35 8.84
N ASP A 492 -3.54 -19.67 9.98
CA ASP A 492 -4.25 -20.94 10.17
C ASP A 492 -5.69 -20.91 9.62
N ARG A 493 -5.88 -21.55 8.48
CA ARG A 493 -7.16 -21.56 7.78
C ARG A 493 -8.13 -22.65 8.26
N ARG A 494 -7.68 -23.52 9.15
CA ARG A 494 -8.54 -24.58 9.72
C ARG A 494 -9.52 -24.00 10.71
N VAL A 495 -10.58 -23.39 10.18
CA VAL A 495 -11.65 -22.79 11.00
C VAL A 495 -12.98 -23.41 10.64
N ASN A 496 -13.84 -23.56 11.63
CA ASN A 496 -15.20 -24.02 11.41
C ASN A 496 -16.18 -22.86 11.61
N VAL A 497 -16.92 -22.54 10.56
CA VAL A 497 -17.89 -21.44 10.65
C VAL A 497 -19.36 -21.85 10.46
N VAL A 498 -20.16 -21.53 11.46
CA VAL A 498 -21.60 -21.73 11.43
C VAL A 498 -22.27 -20.34 11.38
N ASN A 499 -23.38 -20.26 10.66
CA ASN A 499 -24.18 -19.04 10.61
C ASN A 499 -25.69 -19.27 10.64
N GLY A 500 -26.38 -18.36 11.30
CA GLY A 500 -27.84 -18.27 11.24
C GLY A 500 -28.16 -17.03 10.44
N GLU A 501 -29.36 -16.49 10.60
CA GLU A 501 -29.76 -15.33 9.81
C GLU A 501 -28.97 -14.06 10.18
N ASN A 502 -28.89 -13.77 11.47
CA ASN A 502 -28.32 -12.50 11.95
C ASN A 502 -27.11 -12.67 12.86
N TRP A 503 -26.40 -13.79 12.72
CA TRP A 503 -25.25 -14.10 13.55
C TRP A 503 -24.35 -15.14 12.90
N LEU A 504 -23.09 -15.18 13.34
CA LEU A 504 -22.20 -16.29 13.00
C LEU A 504 -21.24 -16.61 14.13
N ILE A 505 -20.84 -17.89 14.20
CA ILE A 505 -19.84 -18.37 15.14
C ILE A 505 -18.64 -18.84 14.32
N ILE A 506 -17.45 -18.35 14.68
CA ILE A 506 -16.23 -18.86 14.06
C ILE A 506 -15.39 -19.54 15.12
N LYS A 507 -15.11 -20.83 14.90
CA LYS A 507 -14.31 -21.62 15.82
C LYS A 507 -12.95 -21.93 15.20
N GLY A 508 -11.89 -21.56 15.90
CA GLY A 508 -10.52 -21.89 15.50
C GLY A 508 -9.95 -22.98 16.37
N ARG A 509 -8.65 -23.19 16.31
CA ARG A 509 -8.01 -24.29 17.02
C ARG A 509 -7.89 -24.03 18.54
N GLU A 510 -7.89 -22.76 18.94
CA GLU A 510 -7.69 -22.38 20.33
C GLU A 510 -8.76 -21.44 20.87
N TYR A 511 -9.68 -21.05 20.00
CA TYR A 511 -10.67 -20.04 20.33
C TYR A 511 -11.98 -20.29 19.58
N PHE A 512 -13.04 -19.61 20.03
CA PHE A 512 -14.22 -19.43 19.19
C PHE A 512 -14.81 -18.04 19.40
N SER A 513 -15.34 -17.47 18.34
CA SER A 513 -15.90 -16.12 18.41
C SER A 513 -17.38 -16.06 18.04
N LEU A 514 -18.11 -15.22 18.77
CA LEU A 514 -19.53 -14.99 18.55
C LEU A 514 -19.71 -13.64 17.88
N TYR A 515 -20.29 -13.63 16.68
CA TYR A 515 -20.61 -12.37 16.00
C TYR A 515 -22.11 -12.24 15.84
N VAL A 516 -22.73 -11.46 16.73
CA VAL A 516 -24.18 -11.33 16.73
C VAL A 516 -24.64 -9.98 16.19
N PHE A 517 -25.18 -9.97 14.98
CA PHE A 517 -25.55 -8.73 14.30
C PHE A 517 -26.93 -8.17 14.72
N SER A 518 -27.79 -9.04 15.22
CA SER A 518 -29.03 -8.64 15.87
C SER A 518 -29.33 -9.62 16.99
N LYS A 519 -30.04 -9.15 18.01
CA LYS A 519 -30.54 -10.04 19.05
C LYS A 519 -31.06 -11.33 18.39
N SER A 520 -30.54 -12.47 18.84
CA SER A 520 -31.00 -13.77 18.38
C SER A 520 -30.62 -14.91 19.32
N SER A 521 -31.28 -16.05 19.16
CA SER A 521 -31.04 -17.24 19.98
C SER A 521 -30.12 -18.21 19.26
N ILE A 522 -28.95 -18.43 19.86
CA ILE A 522 -27.87 -19.16 19.22
C ILE A 522 -27.54 -20.45 19.97
N GLU A 523 -27.34 -21.54 19.24
CA GLU A 523 -26.81 -22.78 19.82
C GLU A 523 -25.29 -22.74 19.79
N VAL A 524 -24.68 -22.80 20.98
CA VAL A 524 -23.22 -22.78 21.12
C VAL A 524 -22.73 -24.19 21.42
N LYS A 525 -21.80 -24.67 20.59
CA LYS A 525 -21.32 -26.05 20.66
C LYS A 525 -20.04 -26.21 21.50
N TYR A 526 -19.50 -25.08 21.96
CA TYR A 526 -18.21 -25.07 22.63
C TYR A 526 -18.26 -24.49 24.04
N SER A 527 -17.24 -24.83 24.84
CA SER A 527 -17.00 -24.25 26.17
C SER A 527 -15.79 -23.32 26.10
N GLY A 528 -15.76 -22.32 26.98
CA GLY A 528 -14.61 -21.41 27.00
C GLY A 528 -14.69 -20.24 27.96
N THR A 529 -13.54 -19.64 28.24
CA THR A 529 -13.48 -18.51 29.15
C THR A 529 -13.28 -17.23 28.36
N LEU A 530 -13.95 -16.17 28.78
CA LEU A 530 -14.02 -14.91 28.03
C LEU A 530 -12.70 -14.15 28.00
N LEU A 531 -12.26 -13.83 26.78
CA LEU A 531 -11.03 -13.08 26.57
C LEU A 531 -11.32 -11.61 26.32
N LEU A 532 -12.32 -11.33 25.49
CA LEU A 532 -12.69 -9.98 25.13
C LEU A 532 -14.13 -9.98 24.63
N SER A 533 -14.75 -8.80 24.68
CA SER A 533 -16.15 -8.64 24.33
C SER A 533 -16.42 -7.16 24.03
N SER A 534 -17.38 -6.89 23.15
CA SER A 534 -17.78 -5.52 22.87
C SER A 534 -18.77 -4.97 23.91
N ASN A 535 -19.28 -5.87 24.76
CA ASN A 535 -20.32 -5.59 25.76
C ASN A 535 -19.91 -5.99 27.17
N ASN A 536 -20.90 -5.93 28.05
CA ASN A 536 -20.85 -6.52 29.37
C ASN A 536 -21.84 -7.66 29.47
N SER A 537 -22.57 -7.89 28.38
CA SER A 537 -23.68 -8.85 28.37
C SER A 537 -23.20 -10.30 28.28
N PHE A 538 -21.91 -10.49 28.02
CA PHE A 538 -21.38 -11.82 27.78
C PHE A 538 -20.76 -12.46 29.04
N PRO A 539 -21.05 -13.76 29.28
CA PRO A 539 -20.57 -14.46 30.47
C PRO A 539 -19.06 -14.62 30.48
N GLN A 540 -18.48 -14.65 31.67
CA GLN A 540 -17.05 -14.92 31.85
C GLN A 540 -16.75 -16.36 31.43
N HIS A 541 -17.65 -17.27 31.76
CA HIS A 541 -17.53 -18.67 31.35
C HIS A 541 -18.81 -19.11 30.65
N ILE A 542 -18.64 -19.74 29.50
CA ILE A 542 -19.77 -20.24 28.72
C ILE A 542 -19.65 -21.75 28.52
N GLU A 543 -20.79 -22.41 28.40
CA GLU A 543 -20.85 -23.84 28.15
C GLU A 543 -21.75 -24.16 26.96
N GLU A 544 -21.62 -25.38 26.46
CA GLU A 544 -22.46 -25.87 25.38
C GLU A 544 -23.93 -25.73 25.77
N GLY A 545 -24.71 -25.05 24.92
CA GLY A 545 -26.12 -24.80 25.19
C GLY A 545 -26.69 -23.68 24.34
N LYS A 546 -27.97 -23.39 24.53
CA LYS A 546 -28.63 -22.33 23.77
C LYS A 546 -28.79 -21.04 24.56
N TYR A 547 -28.52 -19.91 23.91
CA TYR A 547 -28.44 -18.61 24.55
C TYR A 547 -29.07 -17.51 23.69
N GLU A 548 -29.82 -16.60 24.33
CA GLU A 548 -30.31 -15.41 23.66
C GLU A 548 -29.33 -14.24 23.83
N PHE A 549 -28.60 -13.90 22.77
CA PHE A 549 -27.64 -12.80 22.84
C PHE A 549 -28.13 -11.53 22.18
N ASP A 550 -27.75 -10.40 22.76
CA ASP A 550 -27.93 -9.10 22.11
C ASP A 550 -26.79 -8.83 21.11
N LYS A 551 -27.00 -7.84 20.24
CA LYS A 551 -25.99 -7.41 19.28
C LYS A 551 -24.66 -7.19 19.98
N GLY A 552 -23.60 -7.80 19.45
CA GLY A 552 -22.26 -7.64 19.99
C GLY A 552 -21.34 -8.78 19.60
N PHE A 553 -20.11 -8.73 20.11
CA PHE A 553 -19.09 -9.73 19.81
C PHE A 553 -18.48 -10.27 21.12
N ALA A 554 -18.06 -11.53 21.10
CA ALA A 554 -17.37 -12.12 22.24
C ALA A 554 -16.33 -13.15 21.78
N LEU A 555 -15.17 -13.17 22.46
CA LEU A 555 -14.08 -14.09 22.14
C LEU A 555 -13.85 -15.02 23.32
N TYR A 556 -13.72 -16.32 23.05
CA TYR A 556 -13.54 -17.32 24.10
C TYR A 556 -12.36 -18.25 23.86
N LYS A 557 -11.73 -18.74 24.93
CA LYS A 557 -10.64 -19.72 24.86
C LYS A 557 -11.14 -21.16 25.01
#